data_7BDY
#
_entry.id   7BDY
#
_cell.length_a   82.305
_cell.length_b   111.924
_cell.length_c   62.537
_cell.angle_alpha   90.000
_cell.angle_beta   90.000
_cell.angle_gamma   90.000
#
_symmetry.space_group_name_H-M   'C 2 2 21'
#
loop_
_entity.id
_entity.type
_entity.pdbx_description
1 polymer '14-3-3 protein sigma'
2 polymer 'Peptidyl-prolyl cis-trans isomerase NIMA-interacting 1'
3 non-polymer 2-bromanyl-4-[2-(5-bromanyl-2-fluoranyl-phenyl)imidazol-1-yl]benzaldehyde
4 non-polymer 'CALCIUM ION'
5 non-polymer 'CHLORIDE ION'
6 non-polymer 'MAGNESIUM ION'
7 water water
#
loop_
_entity_poly.entity_id
_entity_poly.type
_entity_poly.pdbx_seq_one_letter_code
_entity_poly.pdbx_strand_id
1 'polypeptide(L)'
;GAMGSMERASLIQKAKLAEQAERYEDMAAFMKGAVEKGEELS(CSO)EERNLLSVAYKNVVGGQRAAWRVLSSIEQKSNE
EGSEEKGPEVREYREKVETELQGVCDTVLGLLDSHLIKEAGDAESRVFYLKMKGDYYRYLAEVATGDDKKRIIDSARSAY
QEAMDISKKEMPPTNPIRLGLALNFSVFHYEIANSPEEAISLAKTTFDEAMADLHTLSEDSYKDSTLIMQLLRDNLTLWT
ADNAGEEGGEAPQEPQS
;
A
2 'polypeptide(L)' LVKHSQSRRPS(SEP)WRQEK P
#
# COMPACT_ATOMS: atom_id res chain seq x y z
N GLY A 1 -5.61 -2.68 -23.53
CA GLY A 1 -6.22 -1.40 -23.21
C GLY A 1 -5.63 -0.24 -23.98
N ALA A 2 -5.78 0.96 -23.42
CA ALA A 2 -5.35 2.18 -24.10
C ALA A 2 -3.85 2.23 -24.35
N MET A 3 -3.06 1.47 -23.59
CA MET A 3 -1.62 1.45 -23.79
C MET A 3 -1.16 0.26 -24.62
N GLY A 4 -2.09 -0.46 -25.24
CA GLY A 4 -1.73 -1.68 -25.96
C GLY A 4 -0.77 -1.45 -27.11
N SER A 5 -0.81 -0.29 -27.74
CA SER A 5 0.04 -0.03 -28.88
C SER A 5 1.42 0.52 -28.52
N MET A 6 1.70 0.82 -27.25
CA MET A 6 3.00 1.35 -26.89
C MET A 6 3.94 0.25 -26.41
N GLU A 7 5.21 0.34 -26.81
CA GLU A 7 6.22 -0.61 -26.37
C GLU A 7 6.34 -0.63 -24.85
N ARG A 8 6.57 -1.82 -24.30
CA ARG A 8 6.82 -1.94 -22.86
C ARG A 8 7.91 -1.00 -22.40
N ALA A 9 9.05 -0.97 -23.11
CA ALA A 9 10.16 -0.14 -22.64
C ALA A 9 9.78 1.33 -22.66
N SER A 10 9.00 1.75 -23.66
CA SER A 10 8.55 3.14 -23.75
C SER A 10 7.59 3.49 -22.62
N LEU A 11 6.68 2.57 -22.26
CA LEU A 11 5.82 2.78 -21.09
C LEU A 11 6.64 2.95 -19.81
N ILE A 12 7.68 2.13 -19.61
CA ILE A 12 8.52 2.28 -18.43
C ILE A 12 9.26 3.62 -18.45
N GLN A 13 9.83 3.96 -19.60
CA GLN A 13 10.50 5.25 -19.72
C GLN A 13 9.56 6.41 -19.41
N LYS A 14 8.34 6.36 -19.94
CA LYS A 14 7.39 7.45 -19.69
C LYS A 14 6.88 7.45 -18.25
N ALA A 15 6.78 6.27 -17.61
CA ALA A 15 6.44 6.26 -16.20
C ALA A 15 7.48 7.02 -15.38
N LYS A 16 8.76 6.86 -15.72
CA LYS A 16 9.81 7.59 -15.01
C LYS A 16 9.73 9.08 -15.30
N LEU A 17 9.42 9.46 -16.53
CA LEU A 17 9.23 10.88 -16.85
C LEU A 17 8.04 11.45 -16.09
N ALA A 18 6.94 10.70 -16.00
CA ALA A 18 5.77 11.18 -15.29
C ALA A 18 6.06 11.38 -13.81
N GLU A 19 6.85 10.47 -13.21
CA GLU A 19 7.27 10.68 -11.82
C GLU A 19 8.05 11.98 -11.67
N GLN A 20 8.99 12.24 -12.58
CA GLN A 20 9.76 13.49 -12.50
C GLN A 20 8.88 14.71 -12.63
N ALA A 21 7.81 14.61 -13.41
CA ALA A 21 6.87 15.70 -13.61
C ALA A 21 5.76 15.72 -12.58
N GLU A 22 5.77 14.80 -11.61
CA GLU A 22 4.72 14.67 -10.59
C GLU A 22 3.34 14.47 -11.22
N ARG A 23 3.31 13.74 -12.32
CA ARG A 23 2.06 13.42 -13.01
C ARG A 23 1.72 11.97 -12.70
N TYR A 24 1.21 11.75 -11.48
CA TYR A 24 1.08 10.38 -10.99
C TYR A 24 -0.07 9.61 -11.61
N GLU A 25 -1.13 10.28 -12.07
N GLU A 25 -1.12 10.30 -12.07
CA GLU A 25 -2.17 9.57 -12.80
CA GLU A 25 -2.17 9.61 -12.80
C GLU A 25 -1.62 9.03 -14.11
C GLU A 25 -1.62 9.04 -14.11
N ASP A 26 -0.86 9.84 -14.85
CA ASP A 26 -0.18 9.33 -16.04
C ASP A 26 0.77 8.20 -15.69
N MET A 27 1.56 8.37 -14.63
CA MET A 27 2.50 7.33 -14.21
C MET A 27 1.79 6.01 -13.98
N ALA A 28 0.63 6.05 -13.32
CA ALA A 28 -0.12 4.84 -13.03
C ALA A 28 -0.66 4.22 -14.31
N ALA A 29 -1.15 5.05 -15.24
CA ALA A 29 -1.66 4.51 -16.49
C ALA A 29 -0.54 3.84 -17.30
N PHE A 30 0.64 4.46 -17.31
CA PHE A 30 1.78 3.86 -18.02
C PHE A 30 2.16 2.53 -17.38
N MET A 31 2.26 2.50 -16.05
CA MET A 31 2.62 1.25 -15.38
C MET A 31 1.52 0.19 -15.50
N LYS A 32 0.25 0.58 -15.51
CA LYS A 32 -0.81 -0.40 -15.79
C LYS A 32 -0.60 -1.02 -17.17
N GLY A 33 -0.31 -0.18 -18.17
CA GLY A 33 -0.02 -0.70 -19.49
C GLY A 33 1.19 -1.64 -19.52
N ALA A 34 2.25 -1.30 -18.77
CA ALA A 34 3.41 -2.17 -18.70
C ALA A 34 3.07 -3.53 -18.09
N VAL A 35 2.31 -3.52 -17.00
CA VAL A 35 1.87 -4.80 -16.40
C VAL A 35 1.08 -5.61 -17.41
N GLU A 36 0.16 -4.97 -18.14
CA GLU A 36 -0.70 -5.69 -19.08
C GLU A 36 0.07 -6.25 -20.27
N LYS A 37 1.35 -5.92 -20.43
CA LYS A 37 2.16 -6.62 -21.43
C LYS A 37 2.34 -8.10 -21.09
N GLY A 38 2.10 -8.49 -19.85
CA GLY A 38 2.11 -9.89 -19.48
C GLY A 38 3.43 -10.43 -18.94
N GLU A 39 4.51 -9.67 -19.04
N GLU A 39 4.51 -9.66 -19.01
CA GLU A 39 5.78 -10.11 -18.50
CA GLU A 39 5.80 -10.08 -18.50
C GLU A 39 5.88 -9.72 -17.02
C GLU A 39 5.94 -9.68 -17.03
N GLU A 40 6.71 -10.46 -16.29
CA GLU A 40 6.97 -10.14 -14.90
C GLU A 40 7.65 -8.77 -14.80
N LEU A 41 7.56 -8.16 -13.62
CA LEU A 41 8.16 -6.85 -13.37
C LEU A 41 9.47 -7.01 -12.61
N SER A 42 10.47 -6.22 -12.97
CA SER A 42 11.72 -6.14 -12.22
C SER A 42 11.51 -5.41 -10.89
N GLU A 44 12.88 -2.63 -9.91
CA GLU A 44 12.69 -1.22 -10.19
C GLU A 44 11.28 -0.96 -10.71
N GLU A 45 10.82 -1.86 -11.58
CA GLU A 45 9.49 -1.70 -12.18
C GLU A 45 8.38 -1.88 -11.14
N ARG A 46 8.55 -2.82 -10.21
CA ARG A 46 7.57 -2.96 -9.13
C ARG A 46 7.49 -1.69 -8.31
N ASN A 47 8.64 -1.08 -8.03
CA ASN A 47 8.64 0.18 -7.30
C ASN A 47 7.89 1.25 -8.06
N LEU A 48 8.08 1.35 -9.38
CA LEU A 48 7.36 2.38 -10.14
C LEU A 48 5.86 2.16 -10.07
N LEU A 49 5.42 0.91 -10.19
CA LEU A 49 4.01 0.58 -10.05
C LEU A 49 3.48 1.05 -8.69
N SER A 50 4.20 0.70 -7.62
CA SER A 50 3.77 1.04 -6.26
C SER A 50 3.71 2.55 -6.06
N VAL A 51 4.78 3.27 -6.42
CA VAL A 51 4.83 4.72 -6.27
C VAL A 51 3.65 5.38 -6.98
N ALA A 52 3.39 4.95 -8.21
CA ALA A 52 2.34 5.59 -9.00
C ALA A 52 0.99 5.47 -8.32
N TYR A 53 0.58 4.25 -7.99
CA TYR A 53 -0.75 4.07 -7.43
C TYR A 53 -0.83 4.59 -6.00
N LYS A 54 0.28 4.54 -5.24
CA LYS A 54 0.26 5.08 -3.89
C LYS A 54 -0.03 6.58 -3.92
N ASN A 55 0.56 7.29 -4.87
CA ASN A 55 0.31 8.72 -4.96
C ASN A 55 -1.11 9.01 -5.41
N VAL A 56 -1.63 8.24 -6.37
CA VAL A 56 -2.99 8.47 -6.85
C VAL A 56 -4.00 8.21 -5.74
N VAL A 57 -3.95 7.02 -5.15
CA VAL A 57 -4.92 6.71 -4.10
C VAL A 57 -4.67 7.56 -2.87
N GLY A 58 -3.42 8.00 -2.66
CA GLY A 58 -3.14 8.84 -1.51
C GLY A 58 -3.87 10.18 -1.58
N GLY A 59 -3.90 10.79 -2.77
CA GLY A 59 -4.68 12.00 -2.95
C GLY A 59 -6.18 11.78 -2.78
N GLN A 60 -6.68 10.65 -3.29
CA GLN A 60 -8.09 10.32 -3.12
C GLN A 60 -8.43 10.13 -1.65
N ARG A 61 -7.59 9.40 -0.91
CA ARG A 61 -7.85 9.17 0.50
C ARG A 61 -7.87 10.49 1.27
N ALA A 62 -6.91 11.37 0.99
CA ALA A 62 -6.87 12.65 1.68
C ALA A 62 -8.12 13.45 1.39
N ALA A 63 -8.56 13.45 0.14
CA ALA A 63 -9.80 14.15 -0.20
C ALA A 63 -11.01 13.53 0.47
N TRP A 64 -11.08 12.19 0.47
CA TRP A 64 -12.19 11.52 1.13
C TRP A 64 -12.25 11.86 2.62
N ARG A 65 -11.08 11.93 3.27
N ARG A 65 -11.08 11.95 3.27
CA ARG A 65 -11.08 12.26 4.70
CA ARG A 65 -11.10 12.26 4.70
C ARG A 65 -11.59 13.68 4.93
C ARG A 65 -11.57 13.69 4.95
N VAL A 66 -11.17 14.63 4.09
CA VAL A 66 -11.68 16.00 4.19
C VAL A 66 -13.20 16.00 4.07
N LEU A 67 -13.73 15.34 3.03
CA LEU A 67 -15.16 15.36 2.77
C LEU A 67 -15.95 14.60 3.84
N SER A 68 -15.41 13.48 4.31
N SER A 68 -15.42 13.47 4.31
CA SER A 68 -16.09 12.71 5.37
CA SER A 68 -16.12 12.72 5.37
C SER A 68 -16.22 13.54 6.64
C SER A 68 -16.23 13.54 6.65
N SER A 69 -15.20 14.32 6.96
CA SER A 69 -15.25 15.17 8.15
C SER A 69 -16.30 16.25 7.99
N ILE A 70 -16.34 16.91 6.83
CA ILE A 70 -17.39 17.89 6.58
C ILE A 70 -18.76 17.24 6.70
N GLU A 71 -18.90 16.03 6.15
CA GLU A 71 -20.18 15.32 6.18
C GLU A 71 -20.59 15.01 7.61
N GLN A 72 -19.64 14.59 8.45
CA GLN A 72 -19.95 14.29 9.85
C GLN A 72 -20.40 15.54 10.59
N LYS A 73 -19.70 16.64 10.41
CA LYS A 73 -20.11 17.89 11.04
C LYS A 73 -21.50 18.31 10.57
N SER A 74 -21.86 18.00 9.32
CA SER A 74 -23.16 18.40 8.80
C SER A 74 -24.29 17.59 9.40
N ASN A 75 -24.00 16.37 9.85
CA ASN A 75 -25.02 15.49 10.41
C ASN A 75 -25.08 15.55 11.93
N GLU A 76 -24.39 16.50 12.55
CA GLU A 76 -24.43 16.68 14.00
C GLU A 76 -25.49 17.73 14.38
N LYS A 82 -29.12 20.79 5.93
CA LYS A 82 -28.49 21.01 4.62
C LYS A 82 -28.84 19.89 3.64
N GLY A 83 -28.49 20.09 2.37
CA GLY A 83 -28.91 19.21 1.30
C GLY A 83 -27.98 18.02 1.08
N PRO A 84 -28.14 17.36 -0.07
CA PRO A 84 -27.43 16.11 -0.34
C PRO A 84 -26.02 16.27 -0.91
N GLU A 85 -25.55 17.50 -1.10
CA GLU A 85 -24.37 17.71 -1.94
C GLU A 85 -23.11 17.15 -1.29
N VAL A 86 -22.96 17.33 0.02
CA VAL A 86 -21.74 16.84 0.68
C VAL A 86 -21.67 15.32 0.58
N ARG A 87 -22.78 14.64 0.88
CA ARG A 87 -22.81 13.19 0.72
C ARG A 87 -22.55 12.78 -0.72
N GLU A 88 -23.19 13.47 -1.69
CA GLU A 88 -23.01 13.11 -3.09
C GLU A 88 -21.55 13.19 -3.50
N TYR A 89 -20.88 14.28 -3.11
CA TYR A 89 -19.51 14.48 -3.56
C TYR A 89 -18.55 13.55 -2.82
N ARG A 90 -18.80 13.30 -1.53
CA ARG A 90 -18.02 12.28 -0.84
C ARG A 90 -18.19 10.92 -1.52
N GLU A 91 -19.41 10.58 -1.94
CA GLU A 91 -19.65 9.33 -2.64
C GLU A 91 -18.91 9.31 -3.98
N LYS A 92 -18.86 10.44 -4.68
CA LYS A 92 -18.17 10.49 -5.96
C LYS A 92 -16.69 10.17 -5.78
N VAL A 93 -16.05 10.83 -4.82
CA VAL A 93 -14.64 10.59 -4.55
C VAL A 93 -14.43 9.16 -4.08
N GLU A 94 -15.32 8.67 -3.22
CA GLU A 94 -15.26 7.31 -2.71
C GLU A 94 -15.32 6.29 -3.85
N THR A 95 -16.24 6.48 -4.78
CA THR A 95 -16.38 5.55 -5.90
C THR A 95 -15.13 5.57 -6.78
N GLU A 96 -14.52 6.75 -6.98
N GLU A 96 -14.54 6.75 -6.99
CA GLU A 96 -13.32 6.81 -7.79
CA GLU A 96 -13.32 6.85 -7.78
C GLU A 96 -12.16 6.13 -7.09
C GLU A 96 -12.17 6.13 -7.09
N LEU A 97 -12.05 6.31 -5.77
CA LEU A 97 -11.04 5.61 -4.99
C LEU A 97 -11.23 4.10 -5.06
N GLN A 98 -12.47 3.64 -4.89
CA GLN A 98 -12.74 2.21 -5.01
C GLN A 98 -12.35 1.71 -6.40
N GLY A 99 -12.59 2.51 -7.44
CA GLY A 99 -12.23 2.06 -8.78
C GLY A 99 -10.74 1.88 -8.95
N VAL A 100 -9.95 2.80 -8.39
CA VAL A 100 -8.50 2.69 -8.44
C VAL A 100 -8.04 1.45 -7.65
N CYS A 101 -8.60 1.25 -6.45
CA CYS A 101 -8.21 0.06 -5.67
C CYS A 101 -8.56 -1.22 -6.42
N ASP A 102 -9.75 -1.27 -7.03
CA ASP A 102 -10.15 -2.45 -7.78
C ASP A 102 -9.22 -2.68 -8.97
N THR A 103 -8.76 -1.60 -9.61
CA THR A 103 -7.85 -1.76 -10.73
C THR A 103 -6.53 -2.38 -10.28
N VAL A 104 -5.99 -1.89 -9.17
CA VAL A 104 -4.72 -2.42 -8.66
C VAL A 104 -4.88 -3.88 -8.27
N LEU A 105 -5.94 -4.18 -7.53
CA LEU A 105 -6.19 -5.57 -7.14
C LEU A 105 -6.36 -6.48 -8.36
N GLY A 106 -6.97 -5.95 -9.42
CA GLY A 106 -7.10 -6.72 -10.64
C GLY A 106 -5.78 -7.01 -11.30
N LEU A 107 -4.84 -6.07 -11.26
CA LEU A 107 -3.50 -6.32 -11.81
C LEU A 107 -2.79 -7.38 -10.99
N LEU A 108 -2.89 -7.29 -9.66
CA LEU A 108 -2.27 -8.30 -8.81
C LEU A 108 -2.85 -9.68 -9.09
N ASP A 109 -4.16 -9.75 -9.30
N ASP A 109 -4.17 -9.77 -9.28
CA ASP A 109 -4.83 -11.04 -9.51
CA ASP A 109 -4.80 -11.06 -9.51
C ASP A 109 -4.69 -11.54 -10.94
C ASP A 109 -4.65 -11.56 -10.94
N SER A 110 -4.38 -10.66 -11.91
CA SER A 110 -4.28 -11.02 -13.33
C SER A 110 -3.07 -10.35 -13.97
N HIS A 111 -1.86 -10.87 -13.73
CA HIS A 111 -1.60 -12.14 -13.06
C HIS A 111 -0.29 -12.03 -12.28
N LEU A 112 -0.07 -10.88 -11.65
CA LEU A 112 1.23 -10.61 -11.04
C LEU A 112 1.53 -11.61 -9.92
N ILE A 113 0.56 -11.88 -9.06
CA ILE A 113 0.85 -12.70 -7.88
C ILE A 113 1.13 -14.14 -8.29
N LYS A 114 0.32 -14.68 -9.21
CA LYS A 114 0.48 -16.10 -9.52
C LYS A 114 1.80 -16.36 -10.22
N GLU A 115 2.39 -15.37 -10.89
CA GLU A 115 3.67 -15.59 -11.53
C GLU A 115 4.86 -15.20 -10.65
N ALA A 116 4.62 -14.70 -9.43
CA ALA A 116 5.71 -14.22 -8.59
C ALA A 116 6.22 -15.38 -7.74
N GLY A 117 7.42 -15.87 -8.04
CA GLY A 117 7.96 -17.02 -7.34
C GLY A 117 9.01 -16.67 -6.29
N ASP A 118 9.77 -15.61 -6.54
CA ASP A 118 10.80 -15.20 -5.60
C ASP A 118 10.18 -14.48 -4.41
N ALA A 119 10.82 -14.65 -3.24
CA ALA A 119 10.31 -14.02 -2.03
C ALA A 119 10.11 -12.52 -2.22
N GLU A 120 11.08 -11.84 -2.83
CA GLU A 120 11.02 -10.38 -2.93
C GLU A 120 9.80 -9.93 -3.73
N SER A 121 9.53 -10.59 -4.86
CA SER A 121 8.36 -10.19 -5.64
C SER A 121 7.06 -10.62 -4.96
N ARG A 122 7.02 -11.85 -4.44
CA ARG A 122 5.76 -12.35 -3.89
C ARG A 122 5.34 -11.56 -2.66
N VAL A 123 6.29 -11.26 -1.76
CA VAL A 123 5.98 -10.45 -0.59
C VAL A 123 5.58 -9.04 -0.99
N PHE A 124 6.27 -8.46 -1.97
CA PHE A 124 5.91 -7.13 -2.47
C PHE A 124 4.45 -7.08 -2.93
N TYR A 125 4.05 -8.04 -3.77
CA TYR A 125 2.69 -8.01 -4.31
C TYR A 125 1.65 -8.33 -3.25
N LEU A 126 1.97 -9.23 -2.31
CA LEU A 126 0.98 -9.53 -1.28
C LEU A 126 0.82 -8.36 -0.31
N LYS A 127 1.92 -7.67 0.00
CA LYS A 127 1.80 -6.41 0.74
C LYS A 127 0.91 -5.41 0.00
N MET A 128 1.11 -5.26 -1.32
CA MET A 128 0.25 -4.37 -2.11
C MET A 128 -1.22 -4.78 -2.00
N LYS A 129 -1.48 -6.09 -2.11
CA LYS A 129 -2.86 -6.55 -1.99
C LYS A 129 -3.46 -6.20 -0.62
N GLY A 130 -2.69 -6.42 0.44
CA GLY A 130 -3.15 -6.00 1.76
C GLY A 130 -3.41 -4.50 1.83
N ASP A 131 -2.49 -3.70 1.28
CA ASP A 131 -2.65 -2.25 1.33
C ASP A 131 -3.93 -1.82 0.63
N TYR A 132 -4.20 -2.35 -0.57
CA TYR A 132 -5.34 -1.83 -1.31
C TYR A 132 -6.66 -2.36 -0.76
N TYR A 133 -6.68 -3.57 -0.19
CA TYR A 133 -7.87 -3.96 0.57
C TYR A 133 -8.03 -3.10 1.81
N ARG A 134 -6.92 -2.70 2.45
CA ARG A 134 -7.00 -1.77 3.58
C ARG A 134 -7.62 -0.44 3.17
N TYR A 135 -7.23 0.09 2.00
CA TYR A 135 -7.84 1.34 1.56
C TYR A 135 -9.33 1.16 1.28
N LEU A 136 -9.71 0.01 0.69
CA LEU A 136 -11.13 -0.30 0.57
C LEU A 136 -11.80 -0.38 1.94
N ALA A 137 -11.10 -0.95 2.92
CA ALA A 137 -11.69 -1.07 4.26
C ALA A 137 -11.92 0.28 4.93
N GLU A 138 -11.07 1.27 4.64
CA GLU A 138 -11.20 2.58 5.27
C GLU A 138 -12.54 3.23 4.94
N VAL A 139 -13.12 2.92 3.79
CA VAL A 139 -14.36 3.53 3.34
C VAL A 139 -15.54 2.56 3.37
N ALA A 140 -15.35 1.32 3.85
CA ALA A 140 -16.38 0.30 3.73
C ALA A 140 -17.41 0.42 4.84
N THR A 141 -18.69 0.14 4.49
CA THR A 141 -19.80 0.16 5.45
C THR A 141 -20.90 -0.89 5.20
N GLY A 142 -20.80 -1.71 4.15
CA GLY A 142 -21.89 -2.57 3.74
C GLY A 142 -21.80 -4.00 4.26
N ASP A 143 -22.54 -4.90 3.59
CA ASP A 143 -22.56 -6.31 3.99
C ASP A 143 -21.18 -6.95 3.91
N ASP A 144 -20.32 -6.47 3.02
CA ASP A 144 -19.05 -7.14 2.75
C ASP A 144 -17.87 -6.50 3.49
N LYS A 145 -18.12 -5.58 4.42
CA LYS A 145 -17.03 -4.87 5.08
C LYS A 145 -16.13 -5.81 5.87
N LYS A 146 -16.72 -6.77 6.58
CA LYS A 146 -15.88 -7.71 7.30
C LYS A 146 -15.08 -8.58 6.35
N ARG A 147 -15.65 -8.91 5.18
CA ARG A 147 -14.88 -9.71 4.23
C ARG A 147 -13.76 -8.89 3.62
N ILE A 148 -13.98 -7.59 3.42
CA ILE A 148 -12.91 -6.70 2.94
C ILE A 148 -11.75 -6.68 3.95
N ILE A 149 -12.09 -6.50 5.22
CA ILE A 149 -11.06 -6.50 6.26
C ILE A 149 -10.32 -7.81 6.29
N ASP A 150 -11.04 -8.93 6.19
CA ASP A 150 -10.35 -10.22 6.23
C ASP A 150 -9.51 -10.44 4.99
N SER A 151 -9.91 -9.89 3.84
CA SER A 151 -9.07 -9.98 2.65
C SER A 151 -7.75 -9.25 2.85
N ALA A 152 -7.80 -8.06 3.46
CA ALA A 152 -6.55 -7.36 3.79
C ALA A 152 -5.69 -8.21 4.72
N ARG A 153 -6.29 -8.70 5.80
CA ARG A 153 -5.56 -9.50 6.79
C ARG A 153 -4.91 -10.72 6.15
N SER A 154 -5.68 -11.47 5.36
CA SER A 154 -5.16 -12.69 4.75
C SER A 154 -3.95 -12.41 3.85
N ALA A 155 -4.00 -11.32 3.07
CA ALA A 155 -2.87 -10.99 2.20
C ALA A 155 -1.65 -10.59 3.02
N TYR A 156 -1.83 -9.69 3.99
CA TYR A 156 -0.73 -9.33 4.88
C TYR A 156 -0.14 -10.55 5.57
N GLN A 157 -1.01 -11.46 6.02
CA GLN A 157 -0.55 -12.62 6.79
C GLN A 157 0.30 -13.54 5.92
N GLU A 158 -0.14 -13.81 4.69
CA GLU A 158 0.68 -14.64 3.80
C GLU A 158 2.02 -13.98 3.53
N ALA A 159 2.02 -12.67 3.28
CA ALA A 159 3.27 -11.94 3.06
C ALA A 159 4.17 -12.01 4.29
N MET A 160 3.59 -11.87 5.49
N MET A 160 3.58 -11.89 5.49
CA MET A 160 4.39 -11.97 6.71
CA MET A 160 4.36 -11.98 6.72
C MET A 160 5.03 -13.35 6.82
C MET A 160 5.01 -13.34 6.85
N ASP A 161 4.24 -14.41 6.61
CA ASP A 161 4.77 -15.76 6.74
C ASP A 161 5.95 -15.98 5.80
N ILE A 162 5.83 -15.53 4.54
CA ILE A 162 6.93 -15.69 3.60
C ILE A 162 8.14 -14.86 4.04
N SER A 163 7.90 -13.61 4.46
CA SER A 163 9.02 -12.72 4.77
C SER A 163 9.81 -13.22 5.96
N LYS A 164 9.12 -13.76 6.97
CA LYS A 164 9.82 -14.29 8.12
C LYS A 164 10.65 -15.51 7.77
N LYS A 165 10.20 -16.33 6.82
CA LYS A 165 10.96 -17.53 6.44
C LYS A 165 12.11 -17.20 5.50
N GLU A 166 11.94 -16.23 4.61
CA GLU A 166 12.82 -16.08 3.46
C GLU A 166 13.68 -14.82 3.46
N MET A 167 13.45 -13.87 4.38
CA MET A 167 14.15 -12.60 4.32
C MET A 167 14.77 -12.29 5.67
N PRO A 168 15.88 -11.55 5.68
CA PRO A 168 16.45 -11.11 6.95
C PRO A 168 15.57 -10.05 7.59
N PRO A 169 15.67 -9.86 8.91
CA PRO A 169 14.77 -8.91 9.60
C PRO A 169 14.96 -7.48 9.18
N THR A 170 16.07 -7.13 8.54
CA THR A 170 16.31 -5.76 8.08
C THR A 170 15.85 -5.52 6.65
N ASN A 171 15.36 -6.54 5.96
CA ASN A 171 14.99 -6.37 4.56
C ASN A 171 13.93 -5.27 4.43
N PRO A 172 14.15 -4.24 3.59
CA PRO A 172 13.20 -3.11 3.57
C PRO A 172 11.76 -3.51 3.24
N ILE A 173 11.56 -4.49 2.37
CA ILE A 173 10.18 -4.85 2.06
C ILE A 173 9.55 -5.59 3.25
N ARG A 174 10.34 -6.42 3.94
CA ARG A 174 9.85 -7.03 5.18
C ARG A 174 9.49 -5.97 6.22
N LEU A 175 10.34 -4.96 6.39
CA LEU A 175 10.06 -3.88 7.35
C LEU A 175 8.82 -3.09 6.96
N GLY A 176 8.73 -2.72 5.67
CA GLY A 176 7.58 -1.95 5.23
C GLY A 176 6.29 -2.73 5.33
N LEU A 177 6.35 -4.04 5.08
CA LEU A 177 5.17 -4.88 5.27
C LEU A 177 4.75 -4.89 6.74
N ALA A 178 5.70 -5.09 7.64
CA ALA A 178 5.35 -5.13 9.06
C ALA A 178 4.80 -3.79 9.52
N LEU A 179 5.41 -2.69 9.09
CA LEU A 179 4.86 -1.36 9.36
C LEU A 179 3.39 -1.25 8.96
N ASN A 180 3.06 -1.66 7.73
CA ASN A 180 1.70 -1.47 7.23
C ASN A 180 0.72 -2.46 7.87
N PHE A 181 1.16 -3.68 8.15
CA PHE A 181 0.29 -4.63 8.86
C PHE A 181 0.01 -4.10 10.27
N SER A 182 1.00 -3.47 10.90
N SER A 182 1.01 -3.49 10.90
CA SER A 182 0.75 -2.88 12.22
CA SER A 182 0.79 -2.86 12.21
C SER A 182 -0.25 -1.74 12.13
C SER A 182 -0.26 -1.76 12.12
N VAL A 183 -0.18 -0.92 11.08
CA VAL A 183 -1.19 0.13 10.88
C VAL A 183 -2.56 -0.50 10.64
N PHE A 184 -2.59 -1.59 9.88
CA PHE A 184 -3.86 -2.32 9.70
C PHE A 184 -4.42 -2.74 11.04
N HIS A 185 -3.59 -3.33 11.91
CA HIS A 185 -4.09 -3.75 13.22
C HIS A 185 -4.64 -2.57 14.00
N TYR A 186 -3.92 -1.44 14.00
CA TYR A 186 -4.30 -0.31 14.83
C TYR A 186 -5.55 0.38 14.30
N GLU A 187 -5.59 0.62 13.00
CA GLU A 187 -6.59 1.50 12.42
C GLU A 187 -7.81 0.78 11.88
N ILE A 188 -7.67 -0.48 11.44
CA ILE A 188 -8.73 -1.19 10.74
C ILE A 188 -9.33 -2.28 11.62
N ALA A 189 -8.49 -3.10 12.24
CA ALA A 189 -8.91 -4.26 13.00
C ALA A 189 -9.17 -3.94 14.47
N ASN A 190 -9.02 -2.68 14.88
CA ASN A 190 -9.24 -2.29 16.27
C ASN A 190 -8.44 -3.17 17.23
N SER A 191 -7.18 -3.41 16.89
CA SER A 191 -6.27 -4.27 17.66
C SER A 191 -5.00 -3.49 18.00
N PRO A 192 -5.11 -2.42 18.77
CA PRO A 192 -3.91 -1.61 19.05
C PRO A 192 -2.82 -2.38 19.76
N GLU A 193 -3.14 -3.32 20.64
CA GLU A 193 -2.08 -4.09 21.30
C GLU A 193 -1.30 -4.93 20.30
N GLU A 194 -2.01 -5.54 19.35
CA GLU A 194 -1.33 -6.29 18.29
C GLU A 194 -0.47 -5.37 17.44
N ALA A 195 -0.99 -4.18 17.12
CA ALA A 195 -0.21 -3.20 16.35
C ALA A 195 1.08 -2.83 17.06
N ILE A 196 0.99 -2.55 18.35
CA ILE A 196 2.17 -2.14 19.12
C ILE A 196 3.16 -3.30 19.25
N SER A 197 2.66 -4.50 19.55
CA SER A 197 3.54 -5.65 19.68
C SER A 197 4.27 -5.93 18.38
N LEU A 198 3.54 -5.89 17.26
CA LEU A 198 4.19 -6.12 15.98
C LEU A 198 5.26 -5.08 15.70
N ALA A 199 4.96 -3.79 15.95
CA ALA A 199 5.94 -2.75 15.63
C ALA A 199 7.18 -2.87 16.50
N LYS A 200 7.01 -3.22 17.78
N LYS A 200 6.99 -3.18 17.79
CA LYS A 200 8.14 -3.35 18.68
CA LYS A 200 8.11 -3.37 18.71
C LYS A 200 9.01 -4.55 18.32
C LYS A 200 8.99 -4.53 18.26
N THR A 201 8.39 -5.71 18.08
CA THR A 201 9.16 -6.90 17.73
C THR A 201 9.88 -6.72 16.40
N THR A 202 9.23 -6.09 15.44
CA THR A 202 9.87 -5.80 14.16
C THR A 202 11.08 -4.88 14.34
N PHE A 203 10.89 -3.80 15.10
CA PHE A 203 12.00 -2.87 15.35
C PHE A 203 13.17 -3.58 16.05
N ASP A 204 12.89 -4.33 17.11
CA ASP A 204 13.95 -4.94 17.89
C ASP A 204 14.74 -5.97 17.08
N GLU A 205 14.05 -6.78 16.28
CA GLU A 205 14.73 -7.79 15.50
C GLU A 205 15.50 -7.17 14.34
N ALA A 206 15.04 -6.04 13.82
CA ALA A 206 15.82 -5.33 12.83
C ALA A 206 17.07 -4.74 13.45
N MET A 207 16.92 -4.08 14.61
CA MET A 207 18.07 -3.51 15.31
C MET A 207 19.19 -4.55 15.49
N ALA A 208 18.84 -5.76 15.88
CA ALA A 208 19.83 -6.80 16.15
C ALA A 208 20.52 -7.32 14.88
N ASP A 209 19.96 -7.05 13.70
CA ASP A 209 20.53 -7.51 12.43
C ASP A 209 21.29 -6.40 11.69
N LEU A 210 21.28 -5.17 12.20
CA LEU A 210 21.92 -4.07 11.51
C LEU A 210 23.42 -4.32 11.34
N HIS A 211 24.05 -5.04 12.27
CA HIS A 211 25.50 -5.22 12.23
C HIS A 211 25.95 -5.95 10.97
N THR A 212 25.04 -6.63 10.27
CA THR A 212 25.40 -7.39 9.08
C THR A 212 25.43 -6.57 7.80
N LEU A 213 25.04 -5.30 7.85
CA LEU A 213 24.72 -4.53 6.65
C LEU A 213 25.86 -3.60 6.23
N SER A 214 25.88 -3.31 4.94
CA SER A 214 26.69 -2.21 4.41
C SER A 214 26.13 -0.87 4.86
N GLU A 215 26.90 0.19 4.61
CA GLU A 215 26.45 1.53 4.97
C GLU A 215 25.16 1.89 4.24
N ASP A 216 25.07 1.53 2.95
CA ASP A 216 23.88 1.86 2.18
C ASP A 216 22.66 1.08 2.63
N SER A 217 22.83 -0.22 2.89
CA SER A 217 21.71 -1.03 3.40
C SER A 217 21.29 -0.58 4.79
N TYR A 218 22.27 -0.21 5.62
CA TYR A 218 21.98 0.36 6.93
C TYR A 218 21.08 1.58 6.83
N LYS A 219 21.39 2.50 5.91
CA LYS A 219 20.56 3.67 5.70
C LYS A 219 19.14 3.28 5.30
N ASP A 220 19.00 2.34 4.36
CA ASP A 220 17.66 1.92 3.91
C ASP A 220 16.84 1.35 5.06
N SER A 221 17.45 0.45 5.86
CA SER A 221 16.72 -0.22 6.93
C SER A 221 16.38 0.73 8.08
N THR A 222 17.34 1.57 8.50
CA THR A 222 17.07 2.45 9.63
C THR A 222 16.01 3.50 9.28
N LEU A 223 15.88 3.86 8.01
CA LEU A 223 14.83 4.82 7.64
C LEU A 223 13.45 4.26 7.95
N ILE A 224 13.21 2.99 7.62
CA ILE A 224 11.90 2.39 7.88
C ILE A 224 11.74 2.07 9.35
N MET A 225 12.82 1.66 10.02
CA MET A 225 12.74 1.48 11.47
C MET A 225 12.29 2.77 12.16
N GLN A 226 12.69 3.93 11.64
CA GLN A 226 12.27 5.18 12.27
C GLN A 226 10.77 5.39 12.14
N LEU A 227 10.16 4.91 11.04
CA LEU A 227 8.69 5.00 10.93
C LEU A 227 8.01 4.10 11.95
N LEU A 228 8.55 2.91 12.19
CA LEU A 228 8.05 2.07 13.28
C LEU A 228 8.17 2.79 14.62
N ARG A 229 9.32 3.41 14.86
CA ARG A 229 9.50 4.14 16.11
C ARG A 229 8.50 5.28 16.23
N ASP A 230 8.25 6.01 15.13
CA ASP A 230 7.30 7.12 15.16
C ASP A 230 5.91 6.63 15.56
N ASN A 231 5.48 5.50 15.02
CA ASN A 231 4.17 4.99 15.39
C ASN A 231 4.14 4.54 16.85
N LEU A 232 5.22 3.90 17.31
CA LEU A 232 5.26 3.48 18.70
C LEU A 232 5.17 4.68 19.65
N THR A 233 5.84 5.77 19.29
CA THR A 233 5.77 6.97 20.11
C THR A 233 4.37 7.59 20.07
N LEU A 234 3.71 7.50 18.93
CA LEU A 234 2.35 8.00 18.82
C LEU A 234 1.38 7.14 19.63
N TRP A 235 1.62 5.83 19.69
CA TRP A 235 0.66 4.89 20.26
C TRP A 235 0.90 4.59 21.73
N THR A 236 2.03 5.02 22.29
CA THR A 236 2.35 4.69 23.68
C THR A 236 2.67 5.96 24.48
N ARG B 8 -2.54 12.28 15.70
CA ARG B 8 -2.42 12.22 14.26
C ARG B 8 -2.67 10.80 13.74
N ARG B 9 -2.70 10.66 12.41
CA ARG B 9 -2.76 9.35 11.81
C ARG B 9 -1.36 8.74 11.75
N PRO B 10 -1.25 7.42 11.87
CA PRO B 10 0.07 6.79 11.92
C PRO B 10 0.72 6.71 10.54
N SER B 11 2.01 6.46 10.56
CA SER B 11 2.77 6.39 9.34
C SER B 11 2.68 5.00 8.76
N TRP B 13 4.07 2.96 5.16
CA TRP B 13 5.33 3.16 4.48
C TRP B 13 5.17 4.28 3.46
N ARG B 14 6.20 5.12 3.37
CA ARG B 14 6.20 6.24 2.45
C ARG B 14 7.64 6.56 2.04
N GLN B 15 7.79 7.03 0.80
CA GLN B 15 9.09 7.46 0.28
C GLN B 15 9.39 8.91 0.63
#